data_3JUN
#
_entry.id   3JUN
#
_cell.length_a   64.660
_cell.length_b   64.660
_cell.length_c   161.310
_cell.angle_alpha   90.000
_cell.angle_beta   90.000
_cell.angle_gamma   120.000
#
_symmetry.space_group_name_H-M   'P 32 2 1'
#
loop_
_entity.id
_entity.type
_entity.pdbx_description
1 polymer 'Phenazine biosynthesis protein A/B'
2 non-polymer '5-bromo-2-[(3R)-piperidin-3-ylamino]benzoic acid'
3 non-polymer 5-bromo-2-[(3S)-piperidin-3-ylamino]benzoate
4 water water
#
_entity_poly.entity_id   1
_entity_poly.type   'polypeptide(L)'
_entity_poly.pdbx_seq_one_letter_code
;MGSSHHHHHHSSGLVPRGSHMSDVESLENTSENRAQVAARQHNRKIVEQYMHTRGEARLKRHLLFTEDGVGGLWTTDSGQ
PIAIRGREKLGEHAVWSLQCFPDWVWTDIQIFETQDPNWFWVECRGEGAIVFPGYPRGQYRNHFLHSFRFENGLIKEQRE
FMNPCEQFRSLGIEVPEVRRDGLPS
;
_entity_poly.pdbx_strand_id   A,B
#
loop_
_chem_comp.id
_chem_comp.type
_chem_comp.name
_chem_comp.formula
AJD non-polymer '5-bromo-2-[(3R)-piperidin-3-ylamino]benzoic acid' 'C12 H15 Br N2 O2'
AKD non-polymer 5-bromo-2-[(3S)-piperidin-3-ylamino]benzoate 'C12 H14 Br N2 O2 -1'
#
# COMPACT_ATOMS: atom_id res chain seq x y z
N GLU A 32 -19.00 -4.46 -25.31
CA GLU A 32 -17.81 -4.51 -24.41
C GLU A 32 -17.99 -3.54 -23.26
N ASN A 33 -18.08 -2.24 -23.58
CA ASN A 33 -18.02 -1.14 -22.61
C ASN A 33 -19.15 -1.21 -21.60
N ARG A 34 -20.38 -1.47 -22.07
CA ARG A 34 -21.48 -1.78 -21.14
C ARG A 34 -21.24 -3.01 -20.20
N ALA A 35 -20.71 -4.13 -20.71
CA ALA A 35 -20.37 -5.30 -19.84
C ALA A 35 -19.31 -4.96 -18.80
N GLN A 36 -18.27 -4.25 -19.20
CA GLN A 36 -17.27 -3.78 -18.24
C GLN A 36 -17.79 -2.81 -17.21
N VAL A 37 -18.63 -1.87 -17.57
CA VAL A 37 -19.21 -0.95 -16.56
C VAL A 37 -20.04 -1.75 -15.53
N ALA A 38 -20.81 -2.72 -16.03
CA ALA A 38 -21.61 -3.58 -15.12
C ALA A 38 -20.72 -4.40 -14.25
N ALA A 39 -19.66 -5.00 -14.82
CA ALA A 39 -18.74 -5.84 -14.04
C ALA A 39 -18.12 -5.00 -12.93
N ARG A 40 -17.72 -3.78 -13.27
CA ARG A 40 -17.08 -2.91 -12.30
C ARG A 40 -18.07 -2.54 -11.18
N GLN A 41 -19.30 -2.24 -11.55
CA GLN A 41 -20.32 -1.87 -10.53
C GLN A 41 -20.63 -3.04 -9.58
N HIS A 42 -20.69 -4.24 -10.13
CA HIS A 42 -21.04 -5.43 -9.36
C HIS A 42 -19.89 -5.67 -8.37
N ASN A 43 -18.68 -5.63 -8.91
CA ASN A 43 -17.46 -5.91 -8.08
C ASN A 43 -17.32 -4.87 -6.99
N ARG A 44 -17.64 -3.62 -7.31
CA ARG A 44 -17.57 -2.61 -6.34
C ARG A 44 -18.44 -2.87 -5.13
N LYS A 45 -19.66 -3.42 -5.37
CA LYS A 45 -20.55 -3.74 -4.25
C LYS A 45 -20.02 -4.85 -3.37
N ILE A 46 -19.32 -5.78 -3.99
CA ILE A 46 -18.67 -6.88 -3.26
C ILE A 46 -17.52 -6.30 -2.37
N VAL A 47 -16.71 -5.40 -2.92
CA VAL A 47 -15.72 -4.70 -2.08
C VAL A 47 -16.32 -3.94 -0.92
N GLU A 48 -17.40 -3.21 -1.17
CA GLU A 48 -18.13 -2.57 -0.11
C GLU A 48 -18.60 -3.55 0.97
N GLN A 49 -19.21 -4.65 0.54
CA GLN A 49 -19.72 -5.68 1.46
C GLN A 49 -18.61 -6.24 2.33
N TYR A 50 -17.49 -6.59 1.69
CA TYR A 50 -16.28 -7.13 2.37
C TYR A 50 -15.80 -6.18 3.42
N MET A 51 -15.60 -4.89 3.05
CA MET A 51 -15.08 -3.86 3.96
C MET A 51 -15.97 -3.55 5.14
N HIS A 52 -17.25 -3.67 4.97
CA HIS A 52 -18.17 -3.41 6.09
C HIS A 52 -18.63 -4.62 6.95
N THR A 53 -18.05 -5.78 6.71
CA THR A 53 -18.43 -6.99 7.36
C THR A 53 -17.83 -6.96 8.73
N ARG A 54 -18.65 -7.13 9.75
CA ARG A 54 -18.20 -7.08 11.15
C ARG A 54 -18.87 -8.17 11.95
N GLY A 55 -18.29 -8.45 13.12
CA GLY A 55 -18.87 -9.44 14.06
C GLY A 55 -19.07 -10.84 13.45
N GLU A 56 -20.18 -11.47 13.82
CA GLU A 56 -20.48 -12.86 13.38
C GLU A 56 -20.52 -13.05 11.88
N ALA A 57 -20.90 -11.99 11.16
CA ALA A 57 -20.89 -11.97 9.69
C ALA A 57 -19.51 -12.24 9.08
N ARG A 58 -18.43 -12.00 9.83
CA ARG A 58 -17.12 -12.38 9.42
C ARG A 58 -16.97 -13.86 9.20
N LEU A 59 -17.76 -14.67 9.91
CA LEU A 59 -17.74 -16.12 9.64
C LEU A 59 -18.22 -16.54 8.22
N LYS A 60 -18.95 -15.70 7.53
CA LYS A 60 -19.40 -16.04 6.18
C LYS A 60 -18.76 -15.22 5.06
N ARG A 61 -17.76 -14.39 5.37
CA ARG A 61 -17.18 -13.54 4.35
C ARG A 61 -16.45 -14.35 3.28
N HIS A 62 -15.97 -15.57 3.63
CA HIS A 62 -15.36 -16.44 2.68
C HIS A 62 -16.22 -16.74 1.46
N LEU A 63 -17.52 -16.55 1.60
CA LEU A 63 -18.44 -16.80 0.52
C LEU A 63 -18.29 -15.81 -0.63
N LEU A 64 -17.54 -14.73 -0.38
CA LEU A 64 -17.31 -13.72 -1.42
C LEU A 64 -16.21 -14.12 -2.39
N PHE A 65 -15.47 -15.18 -2.06
CA PHE A 65 -14.32 -15.62 -2.80
C PHE A 65 -14.66 -16.72 -3.78
N THR A 66 -13.84 -16.82 -4.84
CA THR A 66 -13.95 -17.98 -5.77
C THR A 66 -13.56 -19.20 -4.94
N GLU A 67 -13.97 -20.39 -5.39
CA GLU A 67 -13.64 -21.61 -4.64
C GLU A 67 -12.13 -21.71 -4.41
N ASP A 68 -11.35 -21.28 -5.39
CA ASP A 68 -9.91 -21.34 -5.29
C ASP A 68 -9.29 -19.98 -4.89
N GLY A 69 -10.14 -19.04 -4.47
CA GLY A 69 -9.65 -17.69 -3.95
C GLY A 69 -8.58 -17.71 -2.91
N VAL A 70 -7.70 -16.69 -2.96
CA VAL A 70 -6.63 -16.54 -1.97
C VAL A 70 -6.83 -15.22 -1.26
N GLY A 71 -6.65 -15.24 0.03
CA GLY A 71 -6.66 -14.02 0.86
C GLY A 71 -5.48 -14.05 1.79
N GLY A 72 -5.05 -12.90 2.30
CA GLY A 72 -4.07 -12.96 3.33
C GLY A 72 -3.23 -11.70 3.46
N LEU A 73 -2.18 -11.81 4.23
CA LEU A 73 -1.32 -10.70 4.64
C LEU A 73 -0.04 -10.70 3.92
N TRP A 74 0.24 -9.61 3.19
CA TRP A 74 1.40 -9.51 2.30
C TRP A 74 2.58 -8.81 2.92
N THR A 75 2.43 -8.21 4.11
CA THR A 75 3.48 -7.49 4.75
C THR A 75 3.68 -8.12 6.13
N THR A 76 4.69 -8.95 6.26
CA THR A 76 4.92 -9.72 7.52
C THR A 76 6.34 -9.52 7.94
N ASP A 77 6.63 -9.88 9.20
CA ASP A 77 8.02 -9.70 9.70
C ASP A 77 8.98 -10.60 8.94
N SER A 78 8.52 -11.77 8.48
CA SER A 78 9.35 -12.71 7.75
C SER A 78 9.65 -12.27 6.36
N GLY A 79 8.83 -11.36 5.80
CA GLY A 79 8.90 -11.01 4.39
C GLY A 79 8.15 -11.96 3.46
N GLN A 80 7.63 -13.04 4.00
CA GLN A 80 6.82 -13.94 3.22
C GLN A 80 5.34 -13.69 3.54
N PRO A 81 4.49 -13.62 2.51
CA PRO A 81 3.06 -13.52 2.77
C PRO A 81 2.45 -14.66 3.54
N ILE A 82 1.42 -14.39 4.32
CA ILE A 82 0.56 -15.42 4.92
C ILE A 82 -0.58 -15.51 3.97
N ALA A 83 -0.57 -16.52 3.07
CA ALA A 83 -1.54 -16.62 1.95
C ALA A 83 -2.45 -17.78 2.33
N ILE A 84 -3.77 -17.57 2.41
CA ILE A 84 -4.77 -18.59 2.80
C ILE A 84 -5.46 -18.97 1.50
N ARG A 85 -5.24 -20.20 1.01
CA ARG A 85 -5.75 -20.56 -0.29
C ARG A 85 -6.98 -21.45 -0.23
N GLY A 86 -8.06 -20.97 -0.82
CA GLY A 86 -9.27 -21.72 -0.97
C GLY A 86 -10.35 -21.17 -0.09
N ARG A 87 -11.58 -21.22 -0.63
CA ARG A 87 -12.75 -20.68 0.07
C ARG A 87 -12.92 -21.38 1.41
N GLU A 88 -12.82 -22.72 1.45
CA GLU A 88 -13.07 -23.41 2.71
C GLU A 88 -11.93 -23.09 3.72
N LYS A 89 -10.68 -22.97 3.28
CA LYS A 89 -9.59 -22.60 4.21
C LYS A 89 -9.80 -21.20 4.78
N LEU A 90 -10.27 -20.28 3.91
CA LEU A 90 -10.57 -18.89 4.30
C LEU A 90 -11.62 -18.93 5.40
N GLY A 91 -12.68 -19.77 5.26
CA GLY A 91 -13.68 -19.82 6.27
C GLY A 91 -13.16 -20.42 7.60
N GLU A 92 -12.34 -21.45 7.53
CA GLU A 92 -11.68 -22.00 8.74
C GLU A 92 -10.83 -20.97 9.48
N HIS A 93 -10.05 -20.18 8.74
CA HIS A 93 -9.19 -19.12 9.29
C HIS A 93 -9.97 -17.97 9.90
N ALA A 94 -11.18 -17.69 9.39
CA ALA A 94 -11.99 -16.66 9.96
C ALA A 94 -12.48 -17.03 11.35
N VAL A 95 -12.60 -18.33 11.64
CA VAL A 95 -13.00 -18.72 13.01
C VAL A 95 -11.86 -18.32 13.96
N TRP A 96 -10.63 -18.65 13.60
CA TRP A 96 -9.48 -18.28 14.43
C TRP A 96 -9.27 -16.79 14.60
N SER A 97 -9.42 -16.04 13.51
CA SER A 97 -9.28 -14.58 13.59
C SER A 97 -10.39 -13.91 14.32
N LEU A 98 -11.56 -14.54 14.45
CA LEU A 98 -12.55 -13.98 15.32
C LEU A 98 -12.16 -14.11 16.81
N GLN A 99 -11.23 -15.02 17.16
CA GLN A 99 -10.72 -15.08 18.56
C GLN A 99 -9.59 -14.08 18.71
N CYS A 100 -8.72 -14.02 17.68
CA CYS A 100 -7.57 -13.12 17.76
C CYS A 100 -7.89 -11.64 17.66
N PHE A 101 -8.90 -11.32 16.88
CA PHE A 101 -9.35 -9.95 16.70
C PHE A 101 -10.86 -9.92 16.88
N PRO A 102 -11.31 -9.91 18.16
CA PRO A 102 -12.70 -10.20 18.42
C PRO A 102 -13.71 -9.13 18.04
N ASP A 103 -13.28 -7.89 17.86
CA ASP A 103 -14.18 -6.77 17.64
C ASP A 103 -13.65 -5.84 16.52
N TRP A 104 -12.85 -6.40 15.66
CA TRP A 104 -12.18 -5.67 14.58
C TRP A 104 -13.17 -4.89 13.70
N VAL A 105 -12.79 -3.67 13.38
CA VAL A 105 -13.57 -2.83 12.48
C VAL A 105 -12.63 -2.07 11.55
N TRP A 106 -13.04 -2.04 10.27
CA TRP A 106 -12.42 -1.20 9.29
C TRP A 106 -13.13 0.18 9.25
N THR A 107 -12.36 1.26 9.21
CA THR A 107 -12.84 2.65 9.24
C THR A 107 -12.16 3.48 8.14
N ASP A 108 -12.76 4.64 7.85
CA ASP A 108 -12.13 5.60 6.98
C ASP A 108 -11.91 4.99 5.60
N ILE A 109 -12.90 4.23 5.13
CA ILE A 109 -12.76 3.44 3.95
C ILE A 109 -12.80 4.29 2.67
N GLN A 110 -11.80 4.17 1.82
CA GLN A 110 -11.84 4.79 0.48
C GLN A 110 -11.63 3.75 -0.56
N ILE A 111 -12.60 3.56 -1.46
CA ILE A 111 -12.50 2.56 -2.52
C ILE A 111 -12.05 3.18 -3.85
N PHE A 112 -11.01 2.59 -4.43
CA PHE A 112 -10.49 3.01 -5.70
C PHE A 112 -10.82 1.96 -6.76
N GLU A 113 -11.59 2.37 -7.75
CA GLU A 113 -11.77 1.59 -8.96
C GLU A 113 -10.59 1.80 -9.83
N THR A 114 -10.31 0.92 -10.75
CA THR A 114 -9.18 1.09 -11.66
C THR A 114 -9.61 0.98 -13.12
N GLN A 115 -8.65 1.07 -14.04
CA GLN A 115 -8.92 0.73 -15.43
C GLN A 115 -9.31 -0.72 -15.72
N ASP A 116 -8.90 -1.63 -14.85
CA ASP A 116 -9.36 -3.02 -14.90
C ASP A 116 -10.65 -3.15 -14.03
N PRO A 117 -11.79 -3.58 -14.66
CA PRO A 117 -13.04 -3.67 -13.91
C PRO A 117 -12.96 -4.73 -12.82
N ASN A 118 -12.00 -5.65 -12.94
CA ASN A 118 -11.76 -6.69 -11.96
C ASN A 118 -10.61 -6.43 -10.97
N TRP A 119 -10.15 -5.19 -10.88
CA TRP A 119 -9.10 -4.84 -9.87
C TRP A 119 -9.47 -3.57 -9.12
N PHE A 120 -9.47 -3.61 -7.77
CA PHE A 120 -9.80 -2.48 -6.95
C PHE A 120 -8.68 -2.37 -5.89
N TRP A 121 -8.44 -1.15 -5.42
CA TRP A 121 -7.61 -0.89 -4.27
C TRP A 121 -8.48 -0.17 -3.19
N VAL A 122 -8.22 -0.44 -1.91
CA VAL A 122 -8.87 0.21 -0.82
C VAL A 122 -7.81 0.79 0.11
N GLU A 123 -7.99 2.04 0.55
CA GLU A 123 -7.18 2.60 1.57
C GLU A 123 -8.11 2.78 2.77
N CYS A 124 -7.69 2.30 3.96
CA CYS A 124 -8.51 2.45 5.12
C CYS A 124 -7.64 2.41 6.40
N ARG A 125 -8.29 2.64 7.53
CA ARG A 125 -7.73 2.33 8.82
C ARG A 125 -8.43 1.14 9.40
N GLY A 126 -7.88 0.61 10.48
CA GLY A 126 -8.50 -0.54 11.15
C GLY A 126 -8.04 -0.55 12.58
N GLU A 127 -8.92 -0.98 13.47
CA GLU A 127 -8.57 -1.15 14.87
C GLU A 127 -9.40 -2.12 15.62
N GLY A 128 -8.81 -2.61 16.71
CA GLY A 128 -9.59 -3.60 17.51
C GLY A 128 -8.64 -4.19 18.54
N ALA A 129 -9.24 -4.89 19.51
CA ALA A 129 -8.40 -5.70 20.41
C ALA A 129 -7.56 -6.74 19.60
N ILE A 130 -6.36 -6.99 20.07
CA ILE A 130 -5.48 -8.03 19.57
C ILE A 130 -5.22 -9.02 20.77
N VAL A 131 -5.52 -10.26 20.51
CA VAL A 131 -5.52 -11.33 21.58
C VAL A 131 -4.81 -12.52 20.98
N PHE A 132 -3.48 -12.48 20.89
CA PHE A 132 -2.69 -13.57 20.37
C PHE A 132 -2.25 -14.51 21.51
N PRO A 133 -2.03 -15.78 21.20
CA PRO A 133 -1.40 -16.72 22.22
C PRO A 133 -0.01 -16.23 22.55
N GLY A 134 0.24 -16.04 23.84
CA GLY A 134 1.55 -15.79 24.26
C GLY A 134 1.99 -14.34 24.23
N TYR A 135 1.09 -13.40 23.91
CA TYR A 135 1.38 -11.97 24.07
C TYR A 135 0.30 -11.32 24.88
N PRO A 136 0.64 -10.26 25.60
CA PRO A 136 -0.37 -9.55 26.34
C PRO A 136 -1.43 -8.99 25.41
N ARG A 137 -2.66 -9.06 25.84
CA ARG A 137 -3.74 -8.51 25.09
C ARG A 137 -3.50 -7.03 24.90
N GLY A 138 -3.81 -6.58 23.72
CA GLY A 138 -3.55 -5.15 23.41
C GLY A 138 -4.65 -4.56 22.54
N GLN A 139 -4.36 -3.34 22.08
CA GLN A 139 -5.23 -2.64 21.13
C GLN A 139 -4.39 -2.34 19.89
N TYR A 140 -4.78 -2.87 18.75
CA TYR A 140 -4.03 -2.80 17.53
C TYR A 140 -4.78 -1.76 16.64
N ARG A 141 -4.01 -0.85 16.13
CA ARG A 141 -4.55 0.06 15.07
C ARG A 141 -3.53 0.20 14.01
N ASN A 142 -3.98 0.31 12.77
CA ASN A 142 -3.01 0.48 11.69
C ASN A 142 -3.69 1.25 10.48
N HIS A 143 -2.86 1.56 9.54
CA HIS A 143 -3.22 2.04 8.17
C HIS A 143 -3.02 0.91 7.20
N PHE A 144 -4.01 0.66 6.38
CA PHE A 144 -4.00 -0.46 5.50
C PHE A 144 -4.26 -0.08 4.05
N LEU A 145 -3.64 -0.80 3.13
CA LEU A 145 -4.01 -0.80 1.70
C LEU A 145 -4.42 -2.27 1.38
N HIS A 146 -5.52 -2.45 0.69
CA HIS A 146 -5.99 -3.75 0.27
C HIS A 146 -6.08 -3.83 -1.26
N SER A 147 -5.66 -4.93 -1.82
CA SER A 147 -5.81 -5.22 -3.26
C SER A 147 -6.92 -6.28 -3.43
N PHE A 148 -7.88 -6.02 -4.29
CA PHE A 148 -8.93 -7.05 -4.64
C PHE A 148 -8.93 -7.30 -6.10
N ARG A 149 -8.69 -8.55 -6.47
CA ARG A 149 -8.83 -8.97 -7.87
C ARG A 149 -9.99 -9.94 -7.96
N PHE A 150 -10.82 -9.73 -8.99
CA PHE A 150 -12.04 -10.55 -9.18
C PHE A 150 -11.96 -11.48 -10.40
N GLU A 151 -12.77 -12.53 -10.31
CA GLU A 151 -12.96 -13.52 -11.41
C GLU A 151 -14.39 -13.95 -11.33
N ASN A 152 -15.20 -13.65 -12.35
CA ASN A 152 -16.57 -14.07 -12.37
C ASN A 152 -17.39 -13.48 -11.23
N GLY A 153 -17.06 -12.27 -10.82
CA GLY A 153 -17.88 -11.55 -9.84
C GLY A 153 -17.67 -12.01 -8.43
N LEU A 154 -16.62 -12.80 -8.21
CA LEU A 154 -16.22 -13.13 -6.87
C LEU A 154 -14.73 -12.72 -6.69
N ILE A 155 -14.27 -12.71 -5.44
CA ILE A 155 -12.83 -12.41 -5.16
C ILE A 155 -11.92 -13.61 -5.41
N LYS A 156 -10.93 -13.43 -6.30
CA LYS A 156 -9.95 -14.40 -6.66
C LYS A 156 -8.68 -14.17 -5.86
N GLU A 157 -8.36 -12.91 -5.52
CA GLU A 157 -7.18 -12.63 -4.67
C GLU A 157 -7.37 -11.34 -3.87
N GLN A 158 -7.27 -11.44 -2.57
CA GLN A 158 -7.27 -10.28 -1.66
C GLN A 158 -5.94 -10.24 -0.94
N ARG A 159 -5.29 -9.08 -0.93
CA ARG A 159 -3.99 -8.92 -0.25
C ARG A 159 -4.03 -7.71 0.61
N GLU A 160 -3.63 -7.87 1.86
CA GLU A 160 -3.55 -6.80 2.83
C GLU A 160 -2.11 -6.34 2.97
N PHE A 161 -1.89 -5.01 2.96
CA PHE A 161 -0.60 -4.38 3.13
C PHE A 161 -0.66 -3.40 4.28
N MET A 162 0.24 -3.56 5.27
CA MET A 162 0.25 -2.65 6.40
C MET A 162 1.68 -2.47 6.87
N ASN A 163 1.86 -1.70 7.93
CA ASN A 163 3.17 -1.49 8.54
C ASN A 163 3.31 -2.50 9.74
N PRO A 164 4.08 -3.55 9.59
CA PRO A 164 4.13 -4.55 10.72
C PRO A 164 4.64 -3.97 12.00
N CYS A 165 5.42 -2.87 11.96
CA CYS A 165 5.88 -2.23 13.22
C CYS A 165 4.77 -1.79 14.17
N GLU A 166 3.62 -1.32 13.67
CA GLU A 166 2.46 -0.99 14.48
C GLU A 166 1.85 -2.25 15.16
N GLN A 167 1.92 -3.40 14.49
CA GLN A 167 1.44 -4.63 15.10
C GLN A 167 2.41 -5.07 16.17
N PHE A 168 3.71 -5.00 15.90
CA PHE A 168 4.69 -5.21 17.03
C PHE A 168 4.33 -4.40 18.24
N ARG A 169 4.09 -3.11 18.11
CA ARG A 169 3.79 -2.26 19.23
C ARG A 169 2.59 -2.68 20.01
N SER A 170 1.59 -3.12 19.30
CA SER A 170 0.32 -3.53 19.91
C SER A 170 0.55 -4.74 20.80
N LEU A 171 1.57 -5.54 20.47
CA LEU A 171 1.85 -6.85 21.19
C LEU A 171 2.95 -6.70 22.24
N GLY A 172 3.39 -5.48 22.44
CA GLY A 172 4.49 -5.21 23.40
C GLY A 172 5.87 -5.62 22.91
N ILE A 173 6.05 -5.81 21.59
CA ILE A 173 7.29 -6.29 21.05
C ILE A 173 8.12 -5.05 20.73
N GLU A 174 9.40 -5.03 21.19
CA GLU A 174 10.29 -3.91 20.93
C GLU A 174 10.54 -3.72 19.41
N VAL A 175 10.41 -2.49 18.96
CA VAL A 175 10.69 -2.13 17.55
C VAL A 175 12.04 -1.36 17.52
N PRO A 176 12.97 -1.81 16.69
CA PRO A 176 14.21 -1.04 16.49
C PRO A 176 13.92 0.32 15.81
N GLU A 177 14.85 1.25 15.96
CA GLU A 177 14.69 2.59 15.45
C GLU A 177 15.78 2.83 14.43
N VAL A 178 15.39 3.22 13.23
CA VAL A 178 16.37 3.47 12.20
C VAL A 178 16.81 4.91 12.35
N ARG A 179 18.10 5.12 12.57
CA ARG A 179 18.66 6.48 12.64
C ARG A 179 18.49 7.23 11.31
N ARG A 180 17.67 8.30 11.33
CA ARG A 180 17.29 9.06 10.12
C ARG A 180 17.66 10.57 10.09
N ASP A 181 18.09 11.12 11.23
CA ASP A 181 18.97 12.33 11.30
C ASP A 181 18.67 13.64 10.46
N GLY A 182 18.41 13.49 9.16
CA GLY A 182 18.17 14.63 8.25
C GLY A 182 18.09 14.20 6.78
N GLU B 28 -20.38 8.58 -22.63
CA GLU B 28 -20.87 9.72 -23.49
C GLU B 28 -19.74 10.72 -23.92
N ASN B 29 -19.69 11.05 -25.22
CA ASN B 29 -18.63 11.94 -25.79
C ASN B 29 -18.99 13.44 -25.69
N THR B 30 -18.81 13.97 -24.47
CA THR B 30 -19.05 15.35 -24.06
C THR B 30 -17.71 16.04 -23.70
N SER B 31 -17.72 17.38 -23.70
CA SER B 31 -16.55 18.21 -23.34
C SER B 31 -15.99 17.88 -21.95
N GLU B 32 -16.90 17.61 -21.03
CA GLU B 32 -16.50 17.34 -19.66
C GLU B 32 -15.82 15.98 -19.53
N ASN B 33 -16.31 14.99 -20.28
CA ASN B 33 -15.72 13.66 -20.22
C ASN B 33 -14.40 13.71 -20.95
N ARG B 34 -14.32 14.52 -21.97
CA ARG B 34 -13.06 14.71 -22.69
C ARG B 34 -11.99 15.37 -21.84
N ALA B 35 -12.43 16.35 -21.04
CA ALA B 35 -11.48 17.05 -20.16
C ALA B 35 -10.96 16.02 -19.09
N GLN B 36 -11.84 15.19 -18.53
CA GLN B 36 -11.40 14.20 -17.50
C GLN B 36 -10.39 13.23 -18.09
N VAL B 37 -10.69 12.74 -19.30
CA VAL B 37 -9.83 11.83 -20.01
C VAL B 37 -8.49 12.48 -20.30
N ALA B 38 -8.52 13.73 -20.74
CA ALA B 38 -7.27 14.45 -21.05
C ALA B 38 -6.42 14.63 -19.78
N ALA B 39 -7.07 14.96 -18.67
CA ALA B 39 -6.36 15.12 -17.39
C ALA B 39 -5.71 13.80 -16.99
N ARG B 40 -6.49 12.74 -17.08
CA ARG B 40 -5.99 11.44 -16.68
C ARG B 40 -4.80 11.07 -17.55
N GLN B 41 -4.86 11.37 -18.83
CA GLN B 41 -3.82 11.00 -19.74
C GLN B 41 -2.54 11.81 -19.45
N HIS B 42 -2.67 13.08 -19.13
CA HIS B 42 -1.49 13.92 -18.86
C HIS B 42 -0.85 13.42 -17.53
N ASN B 43 -1.73 13.25 -16.56
CA ASN B 43 -1.27 12.79 -15.21
C ASN B 43 -0.54 11.46 -15.27
N ARG B 44 -1.06 10.53 -16.04
CA ARG B 44 -0.41 9.23 -16.19
C ARG B 44 0.98 9.32 -16.72
N LYS B 45 1.17 10.19 -17.74
CA LYS B 45 2.50 10.44 -18.23
C LYS B 45 3.44 10.97 -17.19
N ILE B 46 2.95 11.80 -16.30
CA ILE B 46 3.79 12.29 -15.21
C ILE B 46 4.13 11.13 -14.22
N VAL B 47 3.18 10.27 -13.93
CA VAL B 47 3.48 9.12 -12.99
C VAL B 47 4.52 8.25 -13.70
N GLU B 48 4.36 8.00 -15.00
CA GLU B 48 5.34 7.21 -15.73
C GLU B 48 6.72 7.84 -15.68
N GLN B 49 6.80 9.15 -15.90
CA GLN B 49 8.10 9.84 -15.85
C GLN B 49 8.72 9.73 -14.47
N TYR B 50 7.90 9.91 -13.48
CA TYR B 50 8.38 9.85 -12.09
C TYR B 50 9.01 8.47 -11.83
N MET B 51 8.28 7.40 -12.16
CA MET B 51 8.75 6.04 -11.80
C MET B 51 9.98 5.64 -12.59
N HIS B 52 10.16 6.28 -13.74
CA HIS B 52 11.33 5.94 -14.56
C HIS B 52 12.53 6.85 -14.39
N THR B 53 12.44 7.83 -13.49
CA THR B 53 13.52 8.79 -13.26
C THR B 53 14.63 8.05 -12.50
N ARG B 54 15.81 8.10 -13.04
CA ARG B 54 17.05 7.45 -12.53
C ARG B 54 18.24 8.35 -12.62
N GLY B 55 19.26 7.98 -11.85
CA GLY B 55 20.53 8.70 -11.86
C GLY B 55 20.38 10.17 -11.59
N GLU B 56 21.15 10.96 -12.36
CA GLU B 56 21.26 12.38 -12.09
C GLU B 56 19.94 13.07 -12.36
N ALA B 57 19.06 12.43 -13.13
CA ALA B 57 17.73 13.00 -13.34
C ALA B 57 16.92 13.10 -12.06
N ARG B 58 17.27 12.29 -11.06
CA ARG B 58 16.52 12.35 -9.81
C ARG B 58 16.63 13.76 -9.16
N LEU B 59 17.72 14.48 -9.44
CA LEU B 59 17.87 15.82 -8.87
C LEU B 59 16.84 16.87 -9.44
N LYS B 60 16.14 16.51 -10.52
CA LYS B 60 15.10 17.39 -11.09
C LYS B 60 13.67 16.89 -11.00
N ARG B 61 13.49 15.77 -10.31
CA ARG B 61 12.17 15.19 -10.20
C ARG B 61 11.24 16.06 -9.41
N HIS B 62 11.77 16.88 -8.50
CA HIS B 62 10.93 17.77 -7.76
C HIS B 62 10.13 18.74 -8.58
N LEU B 63 10.59 18.99 -9.81
CA LEU B 63 9.89 19.90 -10.73
C LEU B 63 8.52 19.37 -11.20
N LEU B 64 8.26 18.08 -10.96
CA LEU B 64 6.97 17.46 -11.27
C LEU B 64 5.90 17.76 -10.21
N PHE B 65 6.28 18.40 -9.11
CA PHE B 65 5.40 18.76 -8.02
C PHE B 65 4.89 20.17 -8.06
N THR B 66 3.77 20.37 -7.37
CA THR B 66 3.20 21.70 -7.14
C THR B 66 4.13 22.39 -6.17
N GLU B 67 4.13 23.71 -6.18
CA GLU B 67 5.03 24.47 -5.34
C GLU B 67 5.01 24.01 -3.85
N ASP B 68 3.80 23.71 -3.37
CA ASP B 68 3.56 23.34 -2.00
C ASP B 68 3.31 21.81 -1.92
N GLY B 69 3.78 21.07 -2.90
CA GLY B 69 3.57 19.61 -2.91
C GLY B 69 4.41 18.89 -1.87
N VAL B 70 3.93 17.70 -1.51
CA VAL B 70 4.45 16.89 -0.43
C VAL B 70 4.78 15.52 -1.00
N GLY B 71 5.91 14.97 -0.57
CA GLY B 71 6.34 13.63 -0.92
C GLY B 71 6.85 12.97 0.30
N GLY B 72 6.97 11.64 0.31
CA GLY B 72 7.67 11.01 1.44
C GLY B 72 7.22 9.59 1.67
N LEU B 73 7.58 9.11 2.86
CA LEU B 73 7.50 7.69 3.24
C LEU B 73 6.47 7.59 4.33
N TRP B 74 5.41 6.83 4.09
CA TRP B 74 4.31 6.74 5.02
C TRP B 74 4.42 5.54 5.97
N THR B 75 5.35 4.64 5.69
CA THR B 75 5.53 3.42 6.52
C THR B 75 6.94 3.43 7.10
N THR B 76 7.04 3.82 8.38
CA THR B 76 8.35 3.90 9.02
C THR B 76 8.33 3.08 10.34
N ASP B 77 9.51 2.81 10.87
CA ASP B 77 9.57 2.11 12.20
C ASP B 77 8.85 2.86 13.33
N SER B 78 8.80 4.20 13.24
CA SER B 78 8.18 5.04 14.27
C SER B 78 6.67 5.05 14.22
N GLY B 79 6.10 4.70 13.07
CA GLY B 79 4.69 4.70 12.88
C GLY B 79 4.15 6.03 12.36
N GLN B 80 4.97 7.06 12.28
CA GLN B 80 4.57 8.36 11.76
C GLN B 80 5.24 8.58 10.36
N PRO B 81 4.50 9.21 9.42
CA PRO B 81 5.11 9.50 8.09
C PRO B 81 6.25 10.43 8.19
N ILE B 82 7.22 10.25 7.32
CA ILE B 82 8.25 11.23 7.06
C ILE B 82 7.89 12.03 5.77
N ALA B 83 7.35 13.23 5.95
CA ALA B 83 6.72 14.05 4.92
C ALA B 83 7.64 15.20 4.60
N ILE B 84 7.99 15.33 3.33
CA ILE B 84 8.84 16.45 2.85
C ILE B 84 7.91 17.44 2.19
N ARG B 85 7.80 18.67 2.76
CA ARG B 85 6.80 19.63 2.29
C ARG B 85 7.42 20.75 1.47
N GLY B 86 6.97 20.85 0.23
CA GLY B 86 7.31 21.96 -0.69
C GLY B 86 8.25 21.44 -1.78
N ARG B 87 8.03 21.93 -2.99
CA ARG B 87 8.88 21.60 -4.14
C ARG B 87 10.39 21.79 -3.84
N GLU B 88 10.82 22.90 -3.26
CA GLU B 88 12.25 23.11 -3.03
C GLU B 88 12.87 22.23 -1.94
N LYS B 89 12.11 21.94 -0.87
CA LYS B 89 12.50 20.96 0.11
C LYS B 89 12.69 19.61 -0.57
N LEU B 90 11.76 19.23 -1.45
CA LEU B 90 11.88 17.92 -2.12
C LEU B 90 13.17 17.86 -2.93
N GLY B 91 13.50 18.97 -3.56
CA GLY B 91 14.75 19.05 -4.35
C GLY B 91 15.99 18.89 -3.52
N GLU B 92 15.98 19.53 -2.35
CA GLU B 92 17.11 19.37 -1.42
C GLU B 92 17.27 17.96 -0.93
N HIS B 93 16.16 17.31 -0.58
CA HIS B 93 16.22 15.93 -0.07
C HIS B 93 16.64 14.94 -1.12
N ALA B 94 16.42 15.28 -2.38
CA ALA B 94 16.83 14.41 -3.44
C ALA B 94 18.35 14.28 -3.51
N VAL B 95 19.04 15.34 -3.12
CA VAL B 95 20.55 15.30 -3.08
C VAL B 95 21.04 14.24 -2.08
N TRP B 96 20.42 14.23 -0.90
CA TRP B 96 20.75 13.26 0.16
C TRP B 96 20.40 11.84 -0.22
N SER B 97 19.28 11.66 -0.86
CA SER B 97 18.90 10.33 -1.26
C SER B 97 19.67 9.74 -2.44
N LEU B 98 20.27 10.59 -3.24
CA LEU B 98 21.20 10.16 -4.27
C LEU B 98 22.51 9.60 -3.68
N GLN B 99 22.88 10.03 -2.49
CA GLN B 99 23.94 9.33 -1.76
C GLN B 99 23.47 8.11 -0.99
N CYS B 100 22.31 8.21 -0.33
CA CYS B 100 21.72 7.04 0.40
C CYS B 100 21.36 5.90 -0.48
N PHE B 101 20.85 6.21 -1.68
CA PHE B 101 20.41 5.18 -2.61
C PHE B 101 21.04 5.50 -3.99
N PRO B 102 22.32 5.18 -4.16
CA PRO B 102 23.07 5.77 -5.29
C PRO B 102 22.76 5.21 -6.63
N ASP B 103 22.11 4.05 -6.68
CA ASP B 103 21.82 3.38 -7.97
C ASP B 103 20.38 2.82 -8.05
N TRP B 104 19.49 3.40 -7.27
CA TRP B 104 18.15 2.89 -7.10
C TRP B 104 17.41 2.78 -8.40
N VAL B 105 16.73 1.64 -8.57
CA VAL B 105 15.80 1.52 -9.65
C VAL B 105 14.47 0.93 -9.16
N TRP B 106 13.39 1.51 -9.69
CA TRP B 106 12.05 0.84 -9.63
C TRP B 106 11.83 -0.13 -10.77
N THR B 107 11.25 -1.31 -10.46
CA THR B 107 10.99 -2.43 -11.36
C THR B 107 9.57 -2.96 -11.21
N ASP B 108 9.17 -3.74 -12.18
CA ASP B 108 7.86 -4.43 -12.15
C ASP B 108 6.75 -3.40 -11.92
N ILE B 109 6.81 -2.29 -12.65
CA ILE B 109 5.89 -1.15 -12.39
C ILE B 109 4.52 -1.39 -12.94
N GLN B 110 3.48 -1.34 -12.09
CA GLN B 110 2.09 -1.34 -12.55
C GLN B 110 1.37 -0.11 -12.12
N ILE B 111 0.82 0.64 -13.11
CA ILE B 111 0.11 1.89 -12.80
C ILE B 111 -1.38 1.66 -12.81
N PHE B 112 -2.05 2.10 -11.79
CA PHE B 112 -3.50 2.01 -11.66
C PHE B 112 -4.10 3.41 -11.74
N GLU B 113 -4.84 3.70 -12.83
CA GLU B 113 -5.72 4.84 -12.86
C GLU B 113 -6.89 4.60 -11.93
N THR B 114 -7.56 5.66 -11.47
CA THR B 114 -8.75 5.50 -10.63
C THR B 114 -9.93 6.29 -11.20
N GLN B 115 -11.08 6.15 -10.53
CA GLN B 115 -12.26 7.01 -10.88
C GLN B 115 -11.92 8.48 -10.81
N ASP B 116 -10.90 8.85 -10.03
CA ASP B 116 -10.49 10.27 -9.84
C ASP B 116 -9.34 10.50 -10.83
N PRO B 117 -9.53 11.35 -11.87
CA PRO B 117 -8.46 11.61 -12.79
C PRO B 117 -7.20 12.20 -12.16
N ASN B 118 -7.28 12.73 -10.94
CA ASN B 118 -6.16 13.28 -10.26
C ASN B 118 -5.59 12.35 -9.14
N TRP B 119 -5.91 11.06 -9.19
CA TRP B 119 -5.41 10.07 -8.14
C TRP B 119 -5.04 8.78 -8.86
N PHE B 120 -3.78 8.40 -8.71
CA PHE B 120 -3.25 7.16 -9.18
C PHE B 120 -2.53 6.34 -8.01
N TRP B 121 -2.52 5.05 -8.18
CA TRP B 121 -1.70 4.13 -7.35
C TRP B 121 -0.74 3.39 -8.23
N VAL B 122 0.42 3.06 -7.68
CA VAL B 122 1.41 2.30 -8.36
C VAL B 122 1.87 1.12 -7.45
N GLU B 123 1.92 -0.12 -7.98
CA GLU B 123 2.54 -1.20 -7.30
C GLU B 123 3.83 -1.51 -8.04
N CYS B 124 4.92 -1.71 -7.31
CA CYS B 124 6.17 -2.03 -7.99
C CYS B 124 7.10 -2.72 -6.98
N ARG B 125 8.30 -3.02 -7.43
CA ARG B 125 9.40 -3.40 -6.57
C ARG B 125 10.46 -2.38 -6.73
N GLY B 126 11.54 -2.55 -5.97
CA GLY B 126 12.66 -1.60 -6.12
C GLY B 126 13.86 -2.27 -5.54
N GLU B 127 15.00 -1.92 -6.07
CA GLU B 127 16.29 -2.42 -5.53
C GLU B 127 17.44 -1.53 -5.75
N GLY B 128 18.38 -1.57 -4.81
CA GLY B 128 19.60 -0.76 -4.93
C GLY B 128 20.45 -0.90 -3.71
N ALA B 129 21.69 -0.41 -3.81
CA ALA B 129 22.49 -0.16 -2.62
C ALA B 129 21.80 0.76 -1.61
N ILE B 130 22.04 0.47 -0.34
CA ILE B 130 21.59 1.31 0.75
C ILE B 130 22.82 1.69 1.56
N VAL B 131 22.98 3.00 1.79
CA VAL B 131 24.26 3.59 2.32
C VAL B 131 23.82 4.65 3.31
N PHE B 132 23.47 4.22 4.52
CA PHE B 132 22.94 5.12 5.53
C PHE B 132 24.07 5.40 6.53
N PRO B 133 24.15 6.65 7.02
CA PRO B 133 25.14 6.99 8.05
C PRO B 133 24.93 6.12 9.26
N GLY B 134 26.02 5.54 9.74
CA GLY B 134 25.96 4.75 10.98
C GLY B 134 25.63 3.28 10.75
N TYR B 135 25.45 2.89 9.50
CA TYR B 135 25.18 1.47 9.22
C TYR B 135 26.14 1.00 8.19
N PRO B 136 26.39 -0.29 8.14
CA PRO B 136 27.14 -0.83 7.04
C PRO B 136 26.40 -0.63 5.74
N ARG B 137 27.15 -0.42 4.67
CA ARG B 137 26.57 -0.44 3.32
C ARG B 137 25.90 -1.78 3.06
N GLY B 138 24.75 -1.73 2.36
CA GLY B 138 23.89 -2.89 2.14
C GLY B 138 23.22 -2.87 0.77
N GLN B 139 22.48 -3.94 0.49
CA GLN B 139 21.61 -4.07 -0.68
C GLN B 139 20.14 -4.14 -0.15
N TYR B 140 19.31 -3.27 -0.67
CA TYR B 140 17.90 -3.16 -0.22
C TYR B 140 17.05 -3.53 -1.36
N ARG B 141 16.05 -4.38 -1.09
CA ARG B 141 15.05 -4.74 -2.03
C ARG B 141 13.74 -4.73 -1.28
N ASN B 142 12.64 -4.30 -1.92
CA ASN B 142 11.38 -4.31 -1.23
C ASN B 142 10.26 -4.31 -2.28
N HIS B 143 9.06 -4.48 -1.78
CA HIS B 143 7.83 -4.23 -2.52
C HIS B 143 7.23 -2.98 -2.07
N PHE B 144 6.62 -2.22 -3.03
CA PHE B 144 6.15 -0.90 -2.75
C PHE B 144 4.81 -0.61 -3.34
N LEU B 145 4.03 0.21 -2.62
CA LEU B 145 2.82 0.85 -3.21
C LEU B 145 3.04 2.36 -3.12
N HIS B 146 2.67 3.10 -4.17
CA HIS B 146 2.79 4.54 -4.17
C HIS B 146 1.44 5.15 -4.46
N SER B 147 1.13 6.25 -3.80
CA SER B 147 -0.07 7.04 -4.09
C SER B 147 0.33 8.35 -4.70
N PHE B 148 -0.31 8.75 -5.80
CA PHE B 148 -0.01 10.04 -6.45
C PHE B 148 -1.31 10.85 -6.60
N ARG B 149 -1.39 12.02 -5.96
CA ARG B 149 -2.51 12.95 -6.15
C ARG B 149 -2.01 14.16 -6.88
N PHE B 150 -2.81 14.60 -7.86
CA PHE B 150 -2.44 15.73 -8.74
C PHE B 150 -3.33 16.97 -8.52
N GLU B 151 -2.78 18.16 -8.84
CA GLU B 151 -3.59 19.38 -8.92
C GLU B 151 -2.99 20.22 -10.05
N ASN B 152 -3.83 20.60 -11.02
CA ASN B 152 -3.39 21.42 -12.16
C ASN B 152 -2.23 20.75 -12.89
N GLY B 153 -2.29 19.42 -13.05
CA GLY B 153 -1.27 18.70 -13.79
C GLY B 153 0.08 18.49 -13.10
N LEU B 154 0.21 18.82 -11.82
CA LEU B 154 1.47 18.58 -11.13
C LEU B 154 1.14 17.77 -9.84
N ILE B 155 2.15 17.17 -9.27
CA ILE B 155 1.92 16.25 -8.15
C ILE B 155 1.80 17.08 -6.88
N LYS B 156 0.66 16.99 -6.24
CA LYS B 156 0.36 17.67 -4.99
C LYS B 156 0.76 16.80 -3.77
N GLU B 157 0.63 15.48 -3.90
CA GLU B 157 1.00 14.54 -2.80
C GLU B 157 1.43 13.20 -3.38
N GLN B 158 2.64 12.82 -3.05
CA GLN B 158 3.13 11.44 -3.36
C GLN B 158 3.40 10.77 -1.97
N ARG B 159 2.99 9.51 -1.82
CA ARG B 159 3.23 8.77 -0.51
C ARG B 159 3.71 7.36 -0.89
N GLU B 160 4.80 6.90 -0.23
CA GLU B 160 5.38 5.56 -0.46
C GLU B 160 4.98 4.66 0.73
N PHE B 161 4.51 3.45 0.42
CA PHE B 161 4.14 2.42 1.41
C PHE B 161 4.94 1.19 1.21
N MET B 162 5.66 0.73 2.26
CA MET B 162 6.39 -0.47 2.07
C MET B 162 6.43 -1.26 3.43
N ASN B 163 7.11 -2.39 3.43
CA ASN B 163 7.35 -3.17 4.68
C ASN B 163 8.71 -2.79 5.33
N PRO B 164 8.67 -2.00 6.39
CA PRO B 164 9.97 -1.56 6.95
C PRO B 164 10.88 -2.67 7.44
N CYS B 165 10.37 -3.86 7.67
CA CYS B 165 11.23 -5.04 8.13
C CYS B 165 12.27 -5.42 7.09
N GLU B 166 11.89 -5.21 5.81
CA GLU B 166 12.83 -5.50 4.74
C GLU B 166 13.96 -4.54 4.70
N GLN B 167 13.70 -3.31 5.09
CA GLN B 167 14.75 -2.31 5.14
C GLN B 167 15.68 -2.57 6.39
N PHE B 168 15.07 -2.93 7.54
CA PHE B 168 15.84 -3.45 8.68
C PHE B 168 16.81 -4.52 8.22
N ARG B 169 16.38 -5.51 7.50
CA ARG B 169 17.34 -6.58 7.02
C ARG B 169 18.49 -6.06 6.22
N SER B 170 18.18 -5.10 5.34
CA SER B 170 19.19 -4.48 4.51
C SER B 170 20.25 -3.72 5.31
N LEU B 171 19.88 -3.20 6.49
CA LEU B 171 20.74 -2.42 7.35
C LEU B 171 21.45 -3.26 8.43
N GLY B 172 21.15 -4.57 8.42
CA GLY B 172 21.64 -5.49 9.48
C GLY B 172 20.98 -5.27 10.85
N ILE B 173 19.78 -4.76 10.87
CA ILE B 173 19.01 -4.54 12.10
C ILE B 173 18.18 -5.78 12.28
N GLU B 174 18.29 -6.41 13.46
CA GLU B 174 17.56 -7.62 13.77
C GLU B 174 16.06 -7.35 13.68
N VAL B 175 15.35 -8.26 13.03
CA VAL B 175 13.92 -8.12 12.83
C VAL B 175 13.17 -8.88 13.93
N PRO B 176 12.33 -8.17 14.68
CA PRO B 176 11.45 -8.81 15.67
C PRO B 176 10.55 -9.80 14.93
N GLU B 177 10.12 -10.81 15.65
CA GLU B 177 9.35 -11.86 15.04
C GLU B 177 8.11 -12.05 15.90
N VAL B 178 6.96 -12.22 15.27
CA VAL B 178 5.72 -12.53 15.95
C VAL B 178 5.52 -14.02 15.83
N ARG B 179 5.49 -14.71 16.97
CA ARG B 179 5.11 -16.12 17.01
C ARG B 179 3.65 -16.29 16.63
N ARG B 180 3.40 -16.96 15.51
CA ARG B 180 2.04 -17.24 15.05
C ARG B 180 1.86 -18.77 15.06
OAA AJD C . -12.68 -11.56 9.74
OAB AJD C . -11.44 -9.72 9.79
BRAC AJD C . -9.57 -15.32 7.39
CAD AJD C . -8.08 -13.28 8.70
CAE AJD C . -7.90 -12.07 9.41
CAF AJD C . -10.43 -12.97 8.69
CAG AJD C . -6.49 -7.35 11.68
CAH AJD C . -5.90 -6.92 10.35
CAI AJD C . -7.69 -8.21 11.50
CAJ AJD C . -6.97 -8.84 9.29
NAK AJD C . -5.75 -8.08 9.49
NAL AJD C . -8.80 -10.07 10.38
CAM AJD C . -11.53 -10.96 9.67
CAN AJD C . -9.35 -13.70 8.38
CAO AJD C . -8.96 -11.26 9.72
CAP AJD C . -10.27 -11.72 9.37
CAQ AJD C . -7.47 -9.45 10.57
OAA AKD D . -3.38 -9.08 10.97
OAB AKD D . -2.09 -10.50 12.01
BRAC AKD D . -5.06 -12.00 6.75
CAD AKD D . -4.45 -13.68 9.05
CAE AKD D . -4.00 -13.85 10.33
CAF AKD D . -3.97 -11.33 9.14
CAG AKD D . -1.80 -15.70 14.83
CAH AKD D . -3.16 -15.75 15.63
CAI AKD D . -1.76 -14.49 13.83
CAJ AKD D . -4.18 -14.37 14.02
NAK AKD D . -4.32 -15.69 14.70
NAL AKD D . -3.06 -12.95 12.31
CAM AKD D . -2.95 -10.24 11.15
CAN AKD D . -4.44 -12.45 8.46
CAO AKD D . -3.54 -12.74 11.05
CAP AKD D . -3.49 -11.45 10.42
CAQ AKD D . -3.06 -14.31 12.98
OAA AJD E . 15.38 10.03 -5.98
OAB AJD E . 14.75 7.95 -5.59
BRAC AJD E . 13.50 13.31 -2.16
CAD AJD E . 13.69 10.56 -1.29
CAE AJD E . 13.94 9.22 -1.54
CAF AJD E . 14.21 10.96 -3.57
CAG AJD E . 14.49 3.77 -1.80
CAH AJD E . 13.01 3.70 -1.61
CAI AJD E . 14.78 5.03 -2.64
CAJ AJD E . 12.64 6.12 -1.95
NAK AJD E . 12.52 4.95 -0.96
NAL AJD E . 14.50 7.35 -3.05
CAM AJD E . 14.87 9.15 -5.25
CAN AJD E . 13.86 11.46 -2.32
CAO AJD E . 14.29 8.67 -2.80
CAP AJD E . 14.41 9.60 -3.83
CAQ AJD E . 14.17 6.26 -2.06
OAA AKD F . 13.42 4.65 1.70
OAB AKD F . 14.46 5.04 3.60
BRAC AKD F . 10.73 9.21 0.62
CAD AKD F . 13.11 9.76 2.11
CAE AKD F . 14.23 9.26 2.77
CAF AKD F . 12.45 7.45 1.77
CAG AKD F . 18.05 8.97 6.20
CAH AKD F . 19.24 9.04 5.20
CAI AKD F . 16.95 8.08 5.60
CAJ AKD F . 17.84 8.48 3.28
NAK AKD F . 18.68 9.49 3.92
NAL AKD F . 15.56 7.46 3.58
CAM AKD F . 13.76 5.40 2.63
CAN AKD F . 12.25 8.86 1.56
CAO AKD F . 14.46 7.87 2.94
CAP AKD F . 13.52 6.95 2.47
CAQ AKD F . 16.57 8.41 4.12
#